data_5OV6
#
_entry.id   5OV6
#
_cell.length_a   48.990
_cell.length_b   62.690
_cell.length_c   91.260
_cell.angle_alpha   90.00
_cell.angle_beta   90.00
_cell.angle_gamma   90.00
#
_symmetry.space_group_name_H-M   'P 21 21 21'
#
loop_
_entity.id
_entity.type
_entity.pdbx_description
1 polymer 'Porphobilinogen deaminase'
2 non-polymer '3-[4-(2-hydroxy-2-oxoethyl)-2,5-dimethyl-1~{H}-pyrrol-3-yl]propanoic acid'
3 water water
#
_entity_poly.entity_id   1
_entity_poly.type   'polypeptide(L)'
_entity_poly.pdbx_seq_one_letter_code
;MRKIIVGSRRSKLALTQTKWVIEQLKKQGLPFEFEIKEMVTKGDQILNVTLSKVGGKGLFVKEIEQAMLDKEIDMAVHSM
KNMPAVLPEGLTIGCIPLREDHRDALISKNGERFEELPSGAVIGTSSLRRGAQLLSMRSDIEIKWIRGNIDTRLEKLKNE
DYDAIILAAAGLSRMGWSKDTVTQYLEPEISVPAVGQGALAIECRENDHELLSLLQALNHDETARAVRAERVFLKEMEGG
CQVPIAGYGRILDGGNIELTSLVASPDGKTIYKEHITGKDPIAIGSEAAERLTSQGAKLLIDRVKEELDK
;
_entity_poly.pdbx_strand_id   A
#
# COMPACT_ATOMS: atom_id res chain seq x y z
N MET A 1 4.37 -30.52 13.62
CA MET A 1 5.81 -30.74 13.69
C MET A 1 6.60 -29.63 13.00
N ARG A 2 6.31 -29.36 11.72
CA ARG A 2 7.05 -28.34 11.00
C ARG A 2 6.82 -26.97 11.66
N LYS A 3 7.92 -26.32 12.01
CA LYS A 3 7.88 -24.98 12.59
C LYS A 3 8.07 -23.96 11.48
N ILE A 4 7.01 -23.23 11.15
CA ILE A 4 7.09 -22.17 10.15
C ILE A 4 7.81 -20.98 10.77
N ILE A 5 8.91 -20.57 10.13
CA ILE A 5 9.67 -19.40 10.58
C ILE A 5 9.18 -18.18 9.80
N VAL A 6 8.71 -17.17 10.51
CA VAL A 6 8.14 -15.97 9.89
C VAL A 6 9.09 -14.81 10.18
N GLY A 7 9.73 -14.28 9.13
CA GLY A 7 10.58 -13.12 9.29
C GLY A 7 9.77 -11.84 9.30
N SER A 8 10.14 -10.92 10.18
CA SER A 8 9.39 -9.68 10.35
C SER A 8 10.35 -8.53 10.60
N ARG A 9 9.91 -7.33 10.18
CA ARG A 9 10.57 -6.10 10.53
C ARG A 9 10.53 -5.88 12.05
N ARG A 10 11.31 -4.91 12.52
CA ARG A 10 11.38 -4.62 13.95
C ARG A 10 10.20 -3.78 14.42
N SER A 11 9.60 -2.99 13.54
CA SER A 11 8.65 -1.96 13.95
C SER A 11 7.41 -2.58 14.60
N LYS A 12 6.68 -1.72 15.33
CA LYS A 12 5.47 -2.15 16.03
C LYS A 12 4.37 -2.54 15.05
N LEU A 13 4.22 -1.78 13.97
CA LEU A 13 3.22 -2.11 12.96
C LEU A 13 3.51 -3.47 12.32
N ALA A 14 4.76 -3.72 11.96
CA ALA A 14 5.10 -4.96 11.26
C ALA A 14 4.89 -6.18 12.15
N LEU A 15 5.30 -6.08 13.42
CA LEU A 15 5.10 -7.20 14.34
C LEU A 15 3.62 -7.40 14.68
N THR A 16 2.85 -6.29 14.73
CA THR A 16 1.42 -6.41 14.94
C THR A 16 0.76 -7.14 13.78
N GLN A 17 1.13 -6.78 12.55
CA GLN A 17 0.60 -7.47 11.38
C GLN A 17 1.05 -8.93 11.36
N THR A 18 2.30 -9.19 11.72
CA THR A 18 2.81 -10.56 11.69
C THR A 18 2.11 -11.45 12.70
N LYS A 19 1.90 -10.94 13.92
CA LYS A 19 1.19 -11.73 14.92
C LYS A 19 -0.26 -11.95 14.52
N TRP A 20 -0.88 -10.96 13.88
CA TRP A 20 -2.26 -11.13 13.42
C TRP A 20 -2.37 -12.27 12.41
N VAL A 21 -1.43 -12.33 11.46
CA VAL A 21 -1.46 -13.38 10.45
C VAL A 21 -1.25 -14.75 11.09
N ILE A 22 -0.29 -14.84 12.02
CA ILE A 22 -0.02 -16.11 12.69
C ILE A 22 -1.25 -16.57 13.46
N GLU A 23 -1.90 -15.67 14.19
CA GLU A 23 -3.09 -16.06 14.94
C GLU A 23 -4.21 -16.48 13.99
N GLN A 24 -4.32 -15.82 12.83
CA GLN A 24 -5.31 -16.23 11.83
C GLN A 24 -5.02 -17.62 11.32
N LEU A 25 -3.77 -17.88 10.94
CA LEU A 25 -3.42 -19.18 10.39
C LEU A 25 -3.65 -20.31 11.40
N LYS A 26 -3.54 -20.00 12.70
CA LYS A 26 -3.74 -21.03 13.73
C LYS A 26 -5.18 -21.50 13.81
N LYS A 27 -6.14 -20.69 13.36
CA LYS A 27 -7.54 -21.11 13.41
C LYS A 27 -7.82 -22.33 12.53
N GLN A 28 -6.91 -22.68 11.62
CA GLN A 28 -7.12 -23.83 10.75
C GLN A 28 -6.81 -25.16 11.43
N GLY A 29 -6.12 -25.14 12.57
CA GLY A 29 -5.87 -26.35 13.30
C GLY A 29 -4.95 -27.34 12.61
N LEU A 30 -4.23 -26.90 11.58
CA LEU A 30 -3.29 -27.77 10.90
C LEU A 30 -2.01 -27.90 11.73
N PRO A 31 -1.27 -29.01 11.59
CA PRO A 31 -0.09 -29.22 12.48
C PRO A 31 1.14 -28.43 12.05
N PHE A 32 1.15 -27.15 12.42
CA PHE A 32 2.28 -26.28 12.20
C PHE A 32 2.57 -25.49 13.47
N GLU A 33 3.85 -25.37 13.80
CA GLU A 33 4.29 -24.37 14.76
C GLU A 33 4.64 -23.09 14.01
N PHE A 34 4.51 -21.96 14.70
CA PHE A 34 4.90 -20.67 14.16
C PHE A 34 5.89 -20.02 15.10
N GLU A 35 6.86 -19.33 14.52
CA GLU A 35 7.90 -18.65 15.30
C GLU A 35 8.37 -17.44 14.52
N ILE A 36 8.30 -16.28 15.14
CA ILE A 36 8.76 -15.05 14.52
C ILE A 36 10.27 -14.95 14.69
N LYS A 37 10.95 -14.53 13.62
CA LYS A 37 12.37 -14.19 13.67
C LYS A 37 12.50 -12.74 13.28
N GLU A 38 12.80 -11.88 14.25
CA GLU A 38 13.03 -10.47 13.95
C GLU A 38 14.35 -10.31 13.21
N MET A 39 14.30 -9.65 12.06
CA MET A 39 15.47 -9.52 11.21
C MET A 39 16.37 -8.38 11.66
N PHE A 60 16.64 -3.58 2.99
CA PHE A 60 16.12 -4.50 3.98
C PHE A 60 15.17 -5.51 3.35
N VAL A 61 14.35 -5.05 2.41
CA VAL A 61 13.50 -5.95 1.63
C VAL A 61 14.33 -7.02 0.96
N LYS A 62 15.56 -6.68 0.55
CA LYS A 62 16.44 -7.67 -0.04
C LYS A 62 16.90 -8.70 0.98
N GLU A 63 17.18 -8.26 2.22
CA GLU A 63 17.60 -9.19 3.26
C GLU A 63 16.51 -10.21 3.56
N ILE A 64 15.26 -9.77 3.66
CA ILE A 64 14.14 -10.68 3.91
C ILE A 64 14.02 -11.68 2.78
N GLU A 65 14.10 -11.21 1.53
CA GLU A 65 13.86 -12.09 0.39
C GLU A 65 14.98 -13.12 0.23
N GLN A 66 16.24 -12.70 0.38
CA GLN A 66 17.34 -13.65 0.26
C GLN A 66 17.31 -14.67 1.40
N ALA A 67 16.99 -14.22 2.62
CA ALA A 67 16.82 -15.15 3.73
C ALA A 67 15.71 -16.16 3.46
N MET A 68 14.69 -15.76 2.70
CA MET A 68 13.62 -16.68 2.35
C MET A 68 14.07 -17.68 1.27
N LEU A 69 14.83 -17.19 0.28
CA LEU A 69 15.41 -18.08 -0.72
C LEU A 69 16.46 -19.00 -0.11
N ASP A 70 17.22 -18.50 0.87
CA ASP A 70 18.15 -19.32 1.64
C ASP A 70 17.44 -20.29 2.57
N LYS A 71 16.11 -20.19 2.69
CA LYS A 71 15.30 -21.02 3.59
C LYS A 71 15.63 -20.79 5.06
N GLU A 72 16.31 -19.68 5.38
CA GLU A 72 16.45 -19.29 6.78
C GLU A 72 15.10 -18.95 7.39
N ILE A 73 14.23 -18.32 6.61
CA ILE A 73 12.85 -18.07 7.01
C ILE A 73 11.94 -18.68 5.94
N ASP A 74 10.69 -18.93 6.33
CA ASP A 74 9.74 -19.57 5.43
C ASP A 74 8.74 -18.62 4.81
N MET A 75 8.41 -17.53 5.49
CA MET A 75 7.47 -16.55 4.97
C MET A 75 7.70 -15.22 5.68
N ALA A 76 7.08 -14.18 5.14
CA ALA A 76 7.14 -12.85 5.73
C ALA A 76 5.84 -12.13 5.44
N VAL A 77 5.42 -11.29 6.38
CA VAL A 77 4.21 -10.49 6.26
C VAL A 77 4.62 -9.05 6.02
N HIS A 78 4.17 -8.47 4.90
CA HIS A 78 4.43 -7.08 4.58
C HIS A 78 3.11 -6.37 4.30
N SER A 79 3.12 -5.05 4.49
CA SER A 79 2.10 -4.22 3.89
C SER A 79 2.26 -4.25 2.38
N MET A 80 1.17 -4.54 1.67
CA MET A 80 1.26 -4.73 0.21
C MET A 80 1.82 -3.50 -0.48
N LYS A 81 1.51 -2.30 0.01
CA LYS A 81 2.04 -1.10 -0.62
C LYS A 81 3.55 -0.99 -0.47
N ASN A 82 4.14 -1.73 0.46
CA ASN A 82 5.59 -1.76 0.62
C ASN A 82 6.27 -2.87 -0.18
N MET A 83 5.49 -3.76 -0.78
CA MET A 83 6.08 -4.82 -1.58
C MET A 83 6.70 -4.24 -2.85
N PRO A 84 7.89 -4.71 -3.25
CA PRO A 84 8.43 -4.27 -4.54
C PRO A 84 7.54 -4.74 -5.67
N ALA A 85 7.49 -3.96 -6.74
CA ALA A 85 6.64 -4.31 -7.87
C ALA A 85 7.04 -5.64 -8.50
N VAL A 86 8.32 -6.01 -8.40
CA VAL A 86 8.85 -7.22 -9.02
C VAL A 86 9.47 -8.07 -7.93
N LEU A 87 8.95 -9.31 -7.77
CA LEU A 87 9.59 -10.21 -6.82
C LEU A 87 10.69 -11.02 -7.50
N PRO A 88 11.73 -11.39 -6.76
CA PRO A 88 12.80 -12.20 -7.37
C PRO A 88 12.30 -13.61 -7.67
N GLU A 89 12.87 -14.19 -8.72
CA GLU A 89 12.49 -15.53 -9.15
C GLU A 89 12.65 -16.52 -8.00
N GLY A 90 11.63 -17.34 -7.79
CA GLY A 90 11.60 -18.29 -6.70
C GLY A 90 10.70 -17.89 -5.55
N LEU A 91 10.32 -16.62 -5.47
CA LEU A 91 9.42 -16.13 -4.44
C LEU A 91 8.09 -15.72 -5.05
N THR A 92 7.03 -15.79 -4.24
CA THR A 92 5.70 -15.40 -4.68
C THR A 92 4.95 -14.76 -3.52
N ILE A 93 3.88 -14.06 -3.86
CA ILE A 93 2.89 -13.61 -2.89
C ILE A 93 1.93 -14.77 -2.69
N GLY A 94 2.02 -15.43 -1.55
CA GLY A 94 1.26 -16.65 -1.33
C GLY A 94 -0.14 -16.42 -0.79
N CYS A 95 -0.40 -15.23 -0.25
CA CYS A 95 -1.68 -14.98 0.40
C CYS A 95 -1.92 -13.48 0.50
N ILE A 96 -3.13 -13.07 0.15
CA ILE A 96 -3.60 -11.69 0.31
C ILE A 96 -4.92 -11.75 1.07
N PRO A 97 -4.94 -11.47 2.38
CA PRO A 97 -6.19 -11.60 3.15
C PRO A 97 -7.19 -10.51 2.81
N LEU A 98 -8.38 -10.59 3.41
CA LEU A 98 -9.43 -9.60 3.19
C LEU A 98 -8.90 -8.19 3.43
N ARG A 99 -9.14 -7.32 2.46
CA ARG A 99 -8.56 -5.97 2.51
C ARG A 99 -9.17 -5.16 3.64
N GLU A 100 -8.32 -4.42 4.34
CA GLU A 100 -8.76 -3.39 5.26
C GLU A 100 -9.05 -2.11 4.48
N ASP A 101 -9.39 -1.04 5.19
CA ASP A 101 -9.63 0.26 4.59
C ASP A 101 -8.47 0.68 3.71
N HIS A 102 -8.77 0.97 2.45
CA HIS A 102 -7.76 1.36 1.46
C HIS A 102 -7.48 2.85 1.43
N ARG A 103 -8.25 3.65 2.14
CA ARG A 103 -8.26 5.09 1.92
C ARG A 103 -7.12 5.79 2.66
N ASP A 104 -6.62 6.87 2.05
CA ASP A 104 -5.85 7.86 2.78
C ASP A 104 -6.77 8.58 3.76
N ALA A 105 -6.18 9.01 4.88
CA ALA A 105 -6.94 9.64 5.95
C ALA A 105 -6.31 10.99 6.30
N LEU A 106 -7.15 12.02 6.35
CA LEU A 106 -6.71 13.35 6.78
C LEU A 106 -6.98 13.51 8.27
N ILE A 107 -5.96 13.92 9.01
CA ILE A 107 -6.09 14.23 10.42
C ILE A 107 -5.63 15.67 10.61
N SER A 108 -6.56 16.55 10.94
CA SER A 108 -6.28 17.98 11.03
C SER A 108 -6.14 18.39 12.49
N LYS A 109 -5.12 19.21 12.76
CA LYS A 109 -4.86 19.69 14.11
C LYS A 109 -6.09 20.33 14.74
N ASN A 110 -6.76 21.20 14.00
CA ASN A 110 -7.92 21.92 14.50
C ASN A 110 -9.23 21.42 13.90
N GLY A 111 -9.22 20.23 13.31
CA GLY A 111 -10.45 19.57 12.91
C GLY A 111 -11.03 19.97 11.57
N GLU A 112 -10.30 20.72 10.75
CA GLU A 112 -10.83 21.15 9.47
C GLU A 112 -10.77 20.04 8.43
N ARG A 113 -11.86 19.89 7.67
CA ARG A 113 -11.83 19.05 6.49
C ARG A 113 -10.88 19.66 5.45
N PHE A 114 -10.57 18.88 4.42
CA PHE A 114 -9.57 19.33 3.45
C PHE A 114 -9.96 20.65 2.81
N GLU A 115 -11.22 20.78 2.39
CA GLU A 115 -11.66 22.02 1.78
C GLU A 115 -11.76 23.17 2.78
N GLU A 116 -11.69 22.87 4.08
CA GLU A 116 -11.78 23.87 5.12
C GLU A 116 -10.42 24.33 5.64
N LEU A 117 -9.35 23.61 5.30
CA LEU A 117 -8.03 23.99 5.78
C LEU A 117 -7.71 25.43 5.38
N PRO A 118 -7.07 26.19 6.25
CA PRO A 118 -6.74 27.58 5.91
C PRO A 118 -5.80 27.65 4.72
N SER A 119 -5.85 28.77 4.00
CA SER A 119 -4.91 29.02 2.93
C SER A 119 -3.49 28.92 3.48
N GLY A 120 -2.63 28.22 2.75
CA GLY A 120 -1.27 28.00 3.20
C GLY A 120 -1.10 26.93 4.25
N ALA A 121 -2.15 26.19 4.58
CA ALA A 121 -2.04 25.13 5.57
C ALA A 121 -0.95 24.14 5.18
N VAL A 122 -0.20 23.68 6.16
CA VAL A 122 0.89 22.74 5.96
C VAL A 122 0.38 21.33 6.27
N ILE A 123 0.44 20.45 5.29
CA ILE A 123 0.02 19.06 5.44
C ILE A 123 1.28 18.20 5.41
N GLY A 124 1.46 17.40 6.47
CA GLY A 124 2.66 16.60 6.59
C GLY A 124 2.53 15.23 5.95
N THR A 125 3.36 14.97 4.95
CA THR A 125 3.47 13.65 4.34
C THR A 125 4.75 13.62 3.51
N SER A 126 5.47 12.51 3.58
CA SER A 126 6.68 12.33 2.78
C SER A 126 6.39 11.60 1.48
N SER A 127 5.13 11.30 1.20
CA SER A 127 4.75 10.60 -0.02
C SER A 127 4.46 11.61 -1.13
N LEU A 128 5.21 11.52 -2.22
CA LEU A 128 4.92 12.34 -3.39
C LEU A 128 3.54 12.01 -3.96
N ARG A 129 3.15 10.73 -3.90
CA ARG A 129 1.84 10.33 -4.38
C ARG A 129 0.73 11.09 -3.65
N ARG A 130 0.82 11.13 -2.31
CA ARG A 130 -0.21 11.82 -1.53
C ARG A 130 -0.14 13.33 -1.75
N GLY A 131 1.06 13.91 -1.63
CA GLY A 131 1.19 15.34 -1.73
C GLY A 131 0.80 15.87 -3.09
N ALA A 132 1.18 15.17 -4.15
CA ALA A 132 0.88 15.64 -5.51
C ALA A 132 -0.62 15.67 -5.79
N GLN A 133 -1.35 14.68 -5.28
CA GLN A 133 -2.80 14.66 -5.51
C GLN A 133 -3.49 15.74 -4.70
N LEU A 134 -3.01 16.01 -3.48
CA LEU A 134 -3.56 17.11 -2.69
C LEU A 134 -3.30 18.44 -3.36
N LEU A 135 -2.07 18.66 -3.82
CA LEU A 135 -1.75 19.90 -4.53
C LEU A 135 -2.56 20.05 -5.81
N SER A 136 -2.97 18.93 -6.42
CA SER A 136 -3.80 19.02 -7.62
C SER A 136 -5.21 19.50 -7.31
N MET A 137 -5.66 19.30 -6.06
CA MET A 137 -6.96 19.78 -5.61
C MET A 137 -6.90 21.21 -5.08
N ARG A 138 -5.89 21.51 -4.26
CA ARG A 138 -5.65 22.85 -3.74
C ARG A 138 -4.16 23.14 -3.84
N SER A 139 -3.79 24.06 -4.71
CA SER A 139 -2.39 24.45 -4.84
C SER A 139 -2.01 25.57 -3.87
N ASP A 140 -2.93 26.05 -3.06
CA ASP A 140 -2.66 27.08 -2.08
C ASP A 140 -2.22 26.51 -0.73
N ILE A 141 -2.19 25.20 -0.57
CA ILE A 141 -1.66 24.58 0.63
C ILE A 141 -0.24 24.11 0.34
N GLU A 142 0.50 23.77 1.39
CA GLU A 142 1.87 23.29 1.27
C GLU A 142 1.99 21.87 1.80
N ILE A 143 2.71 21.03 1.07
CA ILE A 143 3.04 19.68 1.50
C ILE A 143 4.47 19.69 2.05
N LYS A 144 4.63 19.19 3.28
CA LYS A 144 5.94 19.17 3.92
C LYS A 144 6.24 17.79 4.48
N TRP A 145 7.50 17.38 4.31
CA TRP A 145 8.00 16.10 4.78
C TRP A 145 7.76 15.93 6.28
N ILE A 146 7.58 14.67 6.68
CA ILE A 146 7.39 14.31 8.07
C ILE A 146 7.78 12.84 8.21
N ARG A 147 8.31 12.47 9.37
CA ARG A 147 8.73 11.10 9.60
C ARG A 147 8.24 10.62 10.95
N GLY A 148 8.31 9.31 11.15
CA GLY A 148 7.85 8.69 12.38
C GLY A 148 6.70 7.73 12.15
N ASN A 149 6.43 6.88 13.13
CA ASN A 149 5.29 5.98 13.05
C ASN A 149 4.01 6.77 13.30
N ILE A 150 2.87 6.06 13.34
CA ILE A 150 1.58 6.72 13.51
C ILE A 150 1.56 7.54 14.80
N ASP A 151 1.99 6.92 15.91
CA ASP A 151 1.98 7.62 17.19
C ASP A 151 2.83 8.89 17.15
N THR A 152 4.00 8.81 16.52
CA THR A 152 4.89 9.95 16.45
C THR A 152 4.25 11.09 15.66
N ARG A 153 3.77 10.80 14.44
CA ARG A 153 3.22 11.85 13.57
C ARG A 153 2.01 12.50 14.21
N LEU A 154 1.18 11.72 14.92
CA LEU A 154 0.01 12.29 15.59
C LEU A 154 0.43 13.26 16.69
N GLU A 155 1.48 12.92 17.44
CA GLU A 155 1.95 13.82 18.47
C GLU A 155 2.59 15.07 17.87
N LYS A 156 3.32 14.92 16.77
CA LYS A 156 3.87 16.09 16.08
C LYS A 156 2.76 17.01 15.60
N LEU A 157 1.59 16.46 15.28
CA LEU A 157 0.48 17.29 14.85
C LEU A 157 0.00 18.19 15.98
N LYS A 158 0.07 17.73 17.23
CA LYS A 158 -0.43 18.51 18.35
C LYS A 158 0.52 19.67 18.67
N ASN A 159 1.82 19.46 18.54
CA ASN A 159 2.79 20.53 18.69
C ASN A 159 3.14 21.08 17.33
N GLU A 160 4.37 21.58 17.19
CA GLU A 160 5.03 21.79 15.90
C GLU A 160 4.23 22.62 14.90
N ASP A 161 4.55 22.46 13.62
CA ASP A 161 4.17 23.40 12.56
C ASP A 161 3.43 22.68 11.44
N TYR A 162 2.61 21.69 11.77
CA TYR A 162 1.76 21.01 10.81
C TYR A 162 0.31 21.33 11.12
N ASP A 163 -0.46 21.66 10.09
CA ASP A 163 -1.88 21.88 10.25
C ASP A 163 -2.69 20.61 10.06
N ALA A 164 -2.12 19.61 9.37
CA ALA A 164 -2.75 18.32 9.18
C ALA A 164 -1.68 17.35 8.70
N ILE A 165 -1.99 16.05 8.79
CA ILE A 165 -1.13 15.01 8.28
C ILE A 165 -2.00 14.03 7.51
N ILE A 166 -1.36 13.24 6.65
CA ILE A 166 -2.01 12.17 5.92
C ILE A 166 -1.46 10.85 6.44
N LEU A 167 -2.36 9.94 6.78
CA LEU A 167 -2.00 8.59 7.19
C LEU A 167 -2.88 7.60 6.46
N ALA A 168 -2.45 6.34 6.43
CA ALA A 168 -3.27 5.28 5.85
C ALA A 168 -4.32 4.86 6.87
N ALA A 169 -5.58 4.81 6.42
CA ALA A 169 -6.66 4.40 7.32
C ALA A 169 -6.41 3.01 7.89
N ALA A 170 -5.83 2.11 7.09
CA ALA A 170 -5.58 0.76 7.55
C ALA A 170 -4.51 0.72 8.64
N GLY A 171 -3.49 1.58 8.52
CA GLY A 171 -2.48 1.65 9.56
C GLY A 171 -3.06 2.10 10.89
N LEU A 172 -3.92 3.12 10.85
CA LEU A 172 -4.60 3.56 12.06
C LEU A 172 -5.48 2.47 12.63
N SER A 173 -6.14 1.70 11.75
CA SER A 173 -6.99 0.61 12.20
C SER A 173 -6.18 -0.49 12.87
N ARG A 174 -5.12 -0.96 12.21
CA ARG A 174 -4.34 -2.06 12.77
C ARG A 174 -3.57 -1.66 14.01
N MET A 175 -3.34 -0.36 14.22
CA MET A 175 -2.68 0.11 15.43
C MET A 175 -3.68 0.50 16.52
N GLY A 176 -4.94 0.12 16.38
CA GLY A 176 -5.90 0.30 17.44
C GLY A 176 -6.40 1.70 17.66
N TRP A 177 -6.27 2.58 16.66
CA TRP A 177 -6.82 3.93 16.76
C TRP A 177 -8.28 3.91 16.35
N SER A 178 -9.11 4.68 17.07
CA SER A 178 -10.52 4.77 16.75
C SER A 178 -10.72 5.43 15.40
N LYS A 179 -11.84 5.07 14.74
CA LYS A 179 -12.17 5.69 13.46
C LYS A 179 -12.32 7.19 13.60
N ASP A 180 -12.81 7.66 14.74
CA ASP A 180 -13.05 9.08 14.98
C ASP A 180 -11.77 9.86 15.25
N THR A 181 -10.61 9.20 15.29
CA THR A 181 -9.35 9.91 15.24
C THR A 181 -9.15 10.62 13.92
N VAL A 182 -9.78 10.12 12.86
CA VAL A 182 -9.63 10.68 11.52
C VAL A 182 -10.57 11.87 11.35
N THR A 183 -10.04 12.97 10.84
CA THR A 183 -10.89 14.11 10.51
C THR A 183 -11.70 13.83 9.26
N GLN A 184 -11.07 13.26 8.23
CA GLN A 184 -11.75 13.02 6.97
C GLN A 184 -11.07 11.86 6.26
N TYR A 185 -11.84 10.84 5.92
CA TYR A 185 -11.36 9.78 5.04
C TYR A 185 -11.41 10.28 3.61
N LEU A 186 -10.27 10.26 2.93
CA LEU A 186 -10.19 10.76 1.57
C LEU A 186 -10.66 9.68 0.61
N GLU A 187 -11.68 10.00 -0.18
CA GLU A 187 -12.15 9.09 -1.19
C GLU A 187 -11.19 9.10 -2.39
N PRO A 188 -11.16 8.01 -3.17
CA PRO A 188 -10.26 7.96 -4.33
C PRO A 188 -10.41 9.12 -5.29
N GLU A 189 -11.58 9.77 -5.30
CA GLU A 189 -11.78 10.93 -6.16
C GLU A 189 -10.91 12.11 -5.72
N ILE A 190 -10.55 12.16 -4.44
CA ILE A 190 -9.60 13.16 -3.97
C ILE A 190 -8.19 12.62 -3.95
N SER A 191 -8.02 11.38 -3.51
CA SER A 191 -6.68 10.79 -3.38
C SER A 191 -6.78 9.31 -3.73
N VAL A 192 -6.27 8.94 -4.89
CA VAL A 192 -6.19 7.51 -5.24
C VAL A 192 -5.16 6.85 -4.34
N PRO A 193 -5.49 5.74 -3.67
CA PRO A 193 -4.55 5.13 -2.73
C PRO A 193 -3.33 4.58 -3.44
N ALA A 194 -2.27 4.39 -2.66
CA ALA A 194 -1.13 3.63 -3.14
C ALA A 194 -1.58 2.22 -3.52
N VAL A 195 -0.94 1.68 -4.56
CA VAL A 195 -1.20 0.29 -4.95
C VAL A 195 -1.07 -0.60 -3.72
N GLY A 196 -2.10 -1.39 -3.46
CA GLY A 196 -2.10 -2.35 -2.38
C GLY A 196 -2.39 -1.80 -1.00
N GLN A 197 -2.69 -0.51 -0.88
CA GLN A 197 -2.94 0.07 0.44
C GLN A 197 -4.12 -0.61 1.11
N GLY A 198 -3.97 -0.90 2.40
CA GLY A 198 -4.97 -1.64 3.13
C GLY A 198 -4.86 -3.14 3.01
N ALA A 199 -4.04 -3.65 2.10
CA ALA A 199 -3.87 -5.08 1.92
C ALA A 199 -2.57 -5.53 2.54
N LEU A 200 -2.53 -6.79 2.96
CA LEU A 200 -1.31 -7.43 3.42
C LEU A 200 -0.81 -8.40 2.37
N ALA A 201 0.51 -8.59 2.34
CA ALA A 201 1.13 -9.59 1.49
C ALA A 201 1.84 -10.60 2.38
N ILE A 202 1.56 -11.87 2.16
CA ILE A 202 2.34 -12.95 2.75
C ILE A 202 3.22 -13.53 1.65
N GLU A 203 4.52 -13.26 1.75
CA GLU A 203 5.50 -13.73 0.78
C GLU A 203 6.10 -15.06 1.25
N CYS A 204 6.25 -16.00 0.33
CA CYS A 204 6.88 -17.28 0.62
C CYS A 204 7.54 -17.80 -0.65
N ARG A 205 8.17 -18.96 -0.54
CA ARG A 205 8.78 -19.59 -1.71
C ARG A 205 7.71 -20.17 -2.63
N GLU A 206 7.93 -20.04 -3.93
CA GLU A 206 6.93 -20.43 -4.91
C GLU A 206 6.66 -21.94 -4.90
N ASN A 207 7.64 -22.74 -4.49
CA ASN A 207 7.51 -24.19 -4.50
C ASN A 207 7.18 -24.79 -3.14
N ASP A 208 7.03 -23.96 -2.10
CA ASP A 208 6.67 -24.45 -0.78
C ASP A 208 5.18 -24.77 -0.79
N HIS A 209 4.84 -25.90 -1.43
CA HIS A 209 3.45 -26.27 -1.63
C HIS A 209 2.71 -26.44 -0.31
N GLU A 210 3.40 -26.94 0.72
CA GLU A 210 2.75 -27.14 2.02
C GLU A 210 2.31 -25.82 2.63
N LEU A 211 3.23 -24.86 2.72
CA LEU A 211 2.87 -23.54 3.24
C LEU A 211 1.81 -22.88 2.38
N LEU A 212 1.95 -22.97 1.06
CA LEU A 212 1.00 -22.34 0.15
C LEU A 212 -0.41 -22.87 0.38
N SER A 213 -0.54 -24.17 0.62
CA SER A 213 -1.86 -24.74 0.91
C SER A 213 -2.41 -24.21 2.21
N LEU A 214 -1.57 -24.11 3.24
CA LEU A 214 -1.97 -23.51 4.52
C LEU A 214 -2.43 -22.06 4.32
N LEU A 215 -1.74 -21.30 3.47
CA LEU A 215 -2.11 -19.90 3.27
C LEU A 215 -3.38 -19.74 2.47
N GLN A 216 -3.84 -20.79 1.78
CA GLN A 216 -4.95 -20.65 0.85
C GLN A 216 -6.23 -20.21 1.55
N ALA A 217 -6.49 -20.74 2.75
CA ALA A 217 -7.74 -20.43 3.44
C ALA A 217 -7.79 -18.98 3.91
N LEU A 218 -6.64 -18.36 4.15
CA LEU A 218 -6.60 -16.96 4.56
C LEU A 218 -6.70 -16.01 3.38
N ASN A 219 -6.46 -16.50 2.16
CA ASN A 219 -6.52 -15.68 0.97
C ASN A 219 -7.97 -15.29 0.67
N HIS A 220 -8.18 -13.99 0.39
CA HIS A 220 -9.48 -13.47 -0.02
C HIS A 220 -9.39 -13.19 -1.52
N ASP A 221 -10.10 -13.99 -2.33
N ASP A 221 -10.09 -14.01 -2.32
CA ASP A 221 -9.88 -13.92 -3.77
CA ASP A 221 -9.96 -13.96 -3.77
C ASP A 221 -10.35 -12.60 -4.37
C ASP A 221 -10.31 -12.58 -4.32
N GLU A 222 -11.38 -11.96 -3.80
CA GLU A 222 -11.81 -10.67 -4.32
C GLU A 222 -10.75 -9.61 -4.08
N THR A 223 -10.11 -9.63 -2.92
CA THR A 223 -9.01 -8.71 -2.65
C THR A 223 -7.83 -9.01 -3.56
N ALA A 224 -7.48 -10.29 -3.70
CA ALA A 224 -6.32 -10.66 -4.52
C ALA A 224 -6.51 -10.24 -5.98
N ARG A 225 -7.70 -10.46 -6.53
CA ARG A 225 -7.96 -10.07 -7.92
C ARG A 225 -7.77 -8.57 -8.12
N ALA A 226 -8.39 -7.76 -7.27
CA ALA A 226 -8.26 -6.30 -7.39
C ALA A 226 -6.80 -5.88 -7.24
N VAL A 227 -6.12 -6.37 -6.21
CA VAL A 227 -4.73 -6.01 -5.99
C VAL A 227 -3.86 -6.46 -7.16
N ARG A 228 -4.19 -7.62 -7.75
CA ARG A 228 -3.40 -8.11 -8.88
C ARG A 228 -3.41 -7.12 -10.04
N ALA A 229 -4.57 -6.52 -10.32
CA ALA A 229 -4.65 -5.51 -11.38
C ALA A 229 -3.86 -4.26 -11.01
N GLU A 230 -3.95 -3.83 -9.75
CA GLU A 230 -3.14 -2.71 -9.28
C GLU A 230 -1.66 -2.99 -9.48
N ARG A 231 -1.22 -4.20 -9.16
CA ARG A 231 0.21 -4.52 -9.19
C ARG A 231 0.73 -4.63 -10.60
N VAL A 232 -0.08 -5.18 -11.52
CA VAL A 232 0.33 -5.25 -12.92
C VAL A 232 0.56 -3.84 -13.46
N PHE A 233 -0.36 -2.92 -13.16
CA PHE A 233 -0.17 -1.54 -13.55
C PHE A 233 1.09 -0.95 -12.91
N LEU A 234 1.32 -1.24 -11.63
CA LEU A 234 2.50 -0.74 -10.95
C LEU A 234 3.78 -1.31 -11.56
N LYS A 235 3.76 -2.59 -11.91
CA LYS A 235 4.95 -3.23 -12.50
C LYS A 235 5.25 -2.65 -13.87
N GLU A 236 4.23 -2.55 -14.73
CA GLU A 236 4.43 -2.06 -16.09
C GLU A 236 4.80 -0.58 -16.14
N MET A 237 4.51 0.19 -15.10
CA MET A 237 4.94 1.58 -15.03
C MET A 237 6.26 1.76 -14.30
N GLU A 238 6.84 0.67 -13.79
CA GLU A 238 8.09 0.70 -13.02
C GLU A 238 7.94 1.61 -11.80
N GLY A 239 6.86 1.38 -11.04
CA GLY A 239 6.49 2.25 -9.94
C GLY A 239 6.96 1.73 -8.59
N GLY A 240 6.82 2.59 -7.59
CA GLY A 240 7.22 2.25 -6.25
C GLY A 240 6.79 3.33 -5.27
N CYS A 241 7.22 3.17 -4.02
CA CYS A 241 6.81 4.10 -2.97
C CYS A 241 7.35 5.51 -3.20
N GLN A 242 8.45 5.65 -3.92
CA GLN A 242 9.05 6.95 -4.19
C GLN A 242 8.44 7.67 -5.39
N VAL A 243 7.64 6.97 -6.20
CA VAL A 243 7.08 7.52 -7.42
C VAL A 243 5.68 8.06 -7.14
N PRO A 244 5.31 9.23 -7.65
CA PRO A 244 3.91 9.67 -7.54
C PRO A 244 3.01 8.86 -8.45
N ILE A 245 2.79 7.59 -8.09
CA ILE A 245 1.95 6.68 -8.86
C ILE A 245 0.94 6.07 -7.90
N ALA A 246 -0.28 5.87 -8.39
CA ALA A 246 -1.36 5.38 -7.53
C ALA A 246 -2.26 4.47 -8.35
N GLY A 247 -2.87 3.51 -7.67
CA GLY A 247 -3.76 2.57 -8.33
C GLY A 247 -4.66 1.86 -7.34
N TYR A 248 -5.96 1.81 -7.63
CA TYR A 248 -6.90 1.16 -6.72
C TYR A 248 -7.92 0.39 -7.54
N GLY A 249 -8.01 -0.91 -7.26
CA GLY A 249 -8.97 -1.79 -7.91
C GLY A 249 -10.00 -2.27 -6.91
N ARG A 250 -11.21 -2.51 -7.40
CA ARG A 250 -12.27 -3.10 -6.59
C ARG A 250 -13.10 -4.00 -7.50
N ILE A 251 -13.80 -4.95 -6.87
CA ILE A 251 -14.65 -5.89 -7.59
C ILE A 251 -16.07 -5.33 -7.61
N LEU A 252 -16.65 -5.25 -8.79
CA LEU A 252 -18.03 -4.82 -8.92
C LEU A 252 -18.97 -6.02 -8.95
N ASP A 253 -20.23 -5.77 -8.63
CA ASP A 253 -21.26 -6.78 -8.80
C ASP A 253 -21.24 -7.29 -10.24
N GLY A 254 -21.10 -8.61 -10.40
CA GLY A 254 -20.96 -9.21 -11.70
C GLY A 254 -19.55 -9.67 -12.04
N GLY A 255 -18.58 -9.41 -11.17
CA GLY A 255 -17.24 -9.91 -11.33
C GLY A 255 -16.25 -8.96 -11.97
N ASN A 256 -16.71 -7.84 -12.53
CA ASN A 256 -15.80 -6.91 -13.17
C ASN A 256 -14.87 -6.25 -12.16
N ILE A 257 -13.63 -6.06 -12.56
CA ILE A 257 -12.67 -5.27 -11.80
C ILE A 257 -12.71 -3.84 -12.31
N GLU A 258 -12.78 -2.89 -11.39
CA GLU A 258 -12.69 -1.47 -11.71
C GLU A 258 -11.34 -0.97 -11.18
N LEU A 259 -10.50 -0.46 -12.07
CA LEU A 259 -9.18 0.01 -11.71
C LEU A 259 -9.08 1.50 -12.00
N THR A 260 -8.77 2.27 -10.97
CA THR A 260 -8.40 3.66 -11.12
C THR A 260 -6.88 3.74 -11.00
N SER A 261 -6.23 4.34 -11.99
CA SER A 261 -4.78 4.44 -12.01
C SER A 261 -4.38 5.89 -12.26
N LEU A 262 -3.31 6.33 -11.61
CA LEU A 262 -2.95 7.74 -11.66
C LEU A 262 -1.44 7.90 -11.59
N VAL A 263 -0.93 8.84 -12.38
CA VAL A 263 0.43 9.33 -12.25
C VAL A 263 0.37 10.86 -12.17
N ALA A 264 1.10 11.42 -11.21
CA ALA A 264 1.03 12.85 -10.92
C ALA A 264 2.42 13.47 -10.94
N SER A 265 2.50 14.71 -11.35
CA SER A 265 3.75 15.44 -11.18
C SER A 265 3.88 15.87 -9.72
N PRO A 266 5.11 16.02 -9.22
CA PRO A 266 5.27 16.46 -7.82
C PRO A 266 4.55 17.76 -7.50
N ASP A 267 4.50 18.71 -8.45
CA ASP A 267 3.84 19.98 -8.14
C ASP A 267 2.33 19.89 -8.24
N GLY A 268 1.78 18.76 -8.68
CA GLY A 268 0.35 18.58 -8.76
C GLY A 268 -0.32 19.21 -9.97
N LYS A 269 0.44 19.82 -10.86
CA LYS A 269 -0.15 20.50 -12.01
C LYS A 269 -0.31 19.59 -13.22
N THR A 270 0.24 18.37 -13.18
CA THR A 270 0.09 17.40 -14.25
C THR A 270 -0.46 16.11 -13.65
N ILE A 271 -1.62 15.67 -14.13
CA ILE A 271 -2.28 14.48 -13.60
C ILE A 271 -2.64 13.56 -14.77
N TYR A 272 -2.05 12.38 -14.80
CA TYR A 272 -2.46 11.32 -15.71
C TYR A 272 -3.38 10.38 -14.95
N LYS A 273 -4.60 10.19 -15.46
CA LYS A 273 -5.60 9.40 -14.75
C LYS A 273 -6.34 8.53 -15.76
N GLU A 274 -6.48 7.25 -15.44
CA GLU A 274 -7.11 6.28 -16.35
C GLU A 274 -8.06 5.40 -15.56
N HIS A 275 -9.27 5.22 -16.08
CA HIS A 275 -10.30 4.42 -15.45
C HIS A 275 -10.65 3.28 -16.40
N ILE A 276 -10.52 2.04 -15.93
CA ILE A 276 -10.74 0.86 -16.76
C ILE A 276 -11.56 -0.16 -15.98
N THR A 277 -12.59 -0.70 -16.62
CA THR A 277 -13.44 -1.73 -16.04
C THR A 277 -13.48 -2.92 -16.98
N GLY A 278 -13.20 -4.10 -16.45
CA GLY A 278 -13.19 -5.30 -17.26
C GLY A 278 -13.10 -6.55 -16.41
N LYS A 279 -12.76 -7.66 -17.05
CA LYS A 279 -12.77 -8.98 -16.40
C LYS A 279 -11.39 -9.46 -15.95
N ASP A 280 -10.35 -9.21 -16.74
CA ASP A 280 -9.04 -9.82 -16.52
C ASP A 280 -8.13 -8.86 -15.78
N PRO A 281 -7.60 -9.25 -14.60
CA PRO A 281 -6.69 -8.34 -13.88
C PRO A 281 -5.47 -7.94 -14.68
N ILE A 282 -4.81 -8.90 -15.32
CA ILE A 282 -3.60 -8.59 -16.08
C ILE A 282 -3.93 -7.68 -17.26
N ALA A 283 -5.04 -7.95 -17.94
CA ALA A 283 -5.41 -7.12 -19.09
C ALA A 283 -5.73 -5.68 -18.67
N ILE A 284 -6.44 -5.52 -17.55
CA ILE A 284 -6.81 -4.19 -17.09
C ILE A 284 -5.57 -3.42 -16.63
N GLY A 285 -4.77 -4.03 -15.78
CA GLY A 285 -3.52 -3.40 -15.37
C GLY A 285 -2.63 -3.06 -16.54
N SER A 286 -2.60 -3.94 -17.55
CA SER A 286 -1.74 -3.70 -18.72
C SER A 286 -2.25 -2.53 -19.55
N GLU A 287 -3.56 -2.46 -19.79
CA GLU A 287 -4.09 -1.34 -20.57
C GLU A 287 -3.90 -0.02 -19.85
N ALA A 288 -4.12 -0.01 -18.53
CA ALA A 288 -3.90 1.20 -17.75
C ALA A 288 -2.52 1.77 -17.99
N ALA A 289 -1.49 0.93 -17.85
CA ALA A 289 -0.12 1.37 -18.08
C ALA A 289 0.10 1.81 -19.52
N GLU A 290 -0.45 1.06 -20.48
CA GLU A 290 -0.27 1.41 -21.89
C GLU A 290 -0.90 2.77 -22.20
N ARG A 291 -2.13 2.99 -21.73
CA ARG A 291 -2.80 4.25 -22.00
C ARG A 291 -2.09 5.43 -21.35
N LEU A 292 -1.63 5.28 -20.11
CA LEU A 292 -0.98 6.39 -19.43
C LEU A 292 0.41 6.65 -19.99
N THR A 293 1.15 5.59 -20.32
CA THR A 293 2.47 5.75 -20.92
C THR A 293 2.39 6.52 -22.24
N SER A 294 1.38 6.23 -23.06
CA SER A 294 1.24 6.91 -24.35
C SER A 294 0.97 8.39 -24.19
N GLN A 295 0.36 8.79 -23.07
CA GLN A 295 0.09 10.20 -22.82
C GLN A 295 1.31 10.94 -22.27
N GLY A 296 2.32 10.21 -21.79
CA GLY A 296 3.52 10.82 -21.27
C GLY A 296 3.81 10.50 -19.82
N ALA A 297 3.03 9.60 -19.22
CA ALA A 297 3.20 9.31 -17.80
C ALA A 297 4.55 8.69 -17.51
N LYS A 298 5.02 7.81 -18.40
CA LYS A 298 6.29 7.13 -18.16
C LYS A 298 7.46 8.10 -18.24
N LEU A 299 7.40 9.08 -19.16
CA LEU A 299 8.44 10.10 -19.21
C LEU A 299 8.47 10.93 -17.93
N LEU A 300 7.30 11.22 -17.37
CA LEU A 300 7.23 11.95 -16.12
C LEU A 300 7.88 11.15 -14.99
N ILE A 301 7.61 9.84 -14.92
CA ILE A 301 8.17 8.99 -13.88
C ILE A 301 9.69 8.97 -13.95
N ASP A 302 10.24 8.87 -15.17
CA ASP A 302 11.69 8.84 -15.31
C ASP A 302 12.31 10.16 -14.88
N ARG A 303 11.65 11.28 -15.16
CA ARG A 303 12.16 12.57 -14.71
C ARG A 303 12.15 12.68 -13.19
N VAL A 304 11.11 12.16 -12.54
CA VAL A 304 11.07 12.22 -11.08
C VAL A 304 12.12 11.30 -10.47
N LYS A 305 12.32 10.12 -11.06
CA LYS A 305 13.36 9.21 -10.57
C LYS A 305 14.74 9.82 -10.73
N GLU A 306 14.97 10.55 -11.82
CA GLU A 306 16.25 11.24 -12.00
C GLU A 306 16.43 12.35 -10.96
N GLU A 307 15.38 13.12 -10.69
CA GLU A 307 15.48 14.21 -9.72
C GLU A 307 15.72 13.70 -8.30
N LEU A 308 15.44 12.42 -8.03
CA LEU A 308 15.76 11.85 -6.73
C LEU A 308 17.23 11.50 -6.61
N ASP A 309 17.91 11.25 -7.73
CA ASP A 309 19.32 10.92 -7.73
C ASP A 309 20.17 12.18 -7.53
#